data_9E4R
#
_entry.id   9E4R
#
_cell.length_a   1.00
_cell.length_b   1.00
_cell.length_c   1.00
_cell.angle_alpha   90.00
_cell.angle_beta   90.00
_cell.angle_gamma   90.00
#
_symmetry.space_group_name_H-M   'P 1'
#
loop_
_entity.id
_entity.type
_entity.pdbx_description
1 polymer 'Dyp-type peroxidase'
2 non-polymer 'PROTOPORPHYRIN IX CONTAINING FE'
#
_entity_poly.entity_id   1
_entity_poly.type   'polypeptide(L)'
_entity_poly.pdbx_seq_one_letter_code
;MHHHHHHGGSENLYFQSGGSGCPFSQSVSQPVDERLTRAAIFLVVTINPGKAAEVAVRAHCSILSSLIRGVGFRISDGGL
SCVMGVSEGGWERLFGDTKPEYLHVFREINGVHHAPSTPGDLLYHIRAARMDLCFELASRILSDLGNSVSVVDSVQGFRY
FDDRDLLGFVDGTENPVAQAAVDATLIGDEDMVFAGGSYVIVQKYLHDLDKWNAIPVEQQEKIIGREKLSDIELRDADKP
SYAHNVLTSIEEDGEDVDILRDNMPFGDPGKGEFGTYFIGYSRKPERIERMLENMFIGNPPGNYDRILDVSRAITGTLFF
VPTTSFLDSIEPQSAPGQQGDDVINTLRSTAIKGDIMPGSLNIGSLKKEV
;
_entity_poly.pdbx_strand_id   A
#
loop_
_chem_comp.id
_chem_comp.type
_chem_comp.name
_chem_comp.formula
HEM non-polymer 'PROTOPORPHYRIN IX CONTAINING FE' 'C34 H32 Fe N4 O4'
#
# COMPACT_ATOMS: atom_id res chain seq x y z
N CYS A 22 -10.12 17.94 16.68
CA CYS A 22 -10.41 17.38 15.36
C CYS A 22 -9.17 17.40 14.48
N PRO A 23 -8.34 16.35 14.59
CA PRO A 23 -7.12 16.28 13.77
C PRO A 23 -7.45 15.96 12.31
N PHE A 24 -6.89 16.76 11.41
CA PHE A 24 -7.10 16.54 9.98
C PHE A 24 -6.27 15.34 9.52
N SER A 25 -6.93 14.40 8.85
CA SER A 25 -6.27 13.20 8.36
C SER A 25 -5.77 13.39 6.94
N GLN A 26 -4.75 12.62 6.58
CA GLN A 26 -4.18 12.69 5.24
C GLN A 26 -5.16 12.08 4.23
N SER A 27 -4.87 12.33 2.95
CA SER A 27 -5.70 11.81 1.85
C SER A 27 -5.39 10.32 1.67
N VAL A 28 -5.98 9.51 2.56
CA VAL A 28 -5.78 8.07 2.51
C VAL A 28 -6.88 7.37 1.74
N SER A 29 -8.14 7.61 2.10
CA SER A 29 -9.28 6.97 1.45
C SER A 29 -9.95 7.85 0.41
N GLN A 30 -9.83 9.17 0.52
CA GLN A 30 -10.47 10.07 -0.44
C GLN A 30 -9.99 9.86 -1.88
N PRO A 31 -8.68 9.73 -2.17
CA PRO A 31 -8.29 9.51 -3.57
C PRO A 31 -8.87 8.25 -4.17
N VAL A 32 -9.00 7.18 -3.40
CA VAL A 32 -9.53 5.92 -3.92
C VAL A 32 -10.99 6.08 -4.30
N ASP A 33 -11.79 6.66 -3.40
CA ASP A 33 -13.21 6.88 -3.67
C ASP A 33 -13.41 7.85 -4.83
N GLU A 34 -12.62 8.92 -4.89
CA GLU A 34 -12.70 9.84 -6.02
C GLU A 34 -12.33 9.15 -7.33
N ARG A 35 -11.48 8.13 -7.28
CA ARG A 35 -11.09 7.34 -8.44
C ARG A 35 -10.50 8.23 -9.55
N LEU A 36 -9.33 8.78 -9.25
CA LEU A 36 -8.61 9.58 -10.23
C LEU A 36 -7.13 9.20 -10.36
N THR A 37 -6.65 8.20 -9.64
CA THR A 37 -5.24 7.85 -9.68
C THR A 37 -4.94 7.07 -10.96
N ARG A 38 -4.54 7.79 -12.00
CA ARG A 38 -4.07 7.17 -13.23
C ARG A 38 -2.57 6.91 -13.23
N ALA A 39 -1.85 7.40 -12.22
CA ALA A 39 -0.40 7.18 -12.13
C ALA A 39 0.01 7.36 -10.68
N ALA A 40 1.03 6.60 -10.27
CA ALA A 40 1.48 6.64 -8.89
C ALA A 40 2.97 6.32 -8.82
N ILE A 41 3.59 6.78 -7.74
CA ILE A 41 4.98 6.53 -7.45
C ILE A 41 5.09 6.09 -5.99
N PHE A 42 5.67 4.92 -5.78
CA PHE A 42 6.00 4.43 -4.44
C PHE A 42 7.48 4.63 -4.21
N LEU A 43 7.83 5.47 -3.23
CA LEU A 43 9.22 5.82 -2.96
C LEU A 43 9.52 5.45 -1.51
N VAL A 44 10.32 4.40 -1.32
CA VAL A 44 10.74 3.95 0.00
C VAL A 44 12.19 4.34 0.16
N VAL A 45 12.47 5.20 1.14
CA VAL A 45 13.82 5.71 1.38
C VAL A 45 14.20 5.45 2.84
N THR A 46 15.50 5.45 3.08
CA THR A 46 16.05 5.24 4.41
C THR A 46 16.82 6.49 4.83
N ILE A 47 16.77 6.79 6.13
CA ILE A 47 17.44 7.98 6.66
C ILE A 47 18.89 7.65 6.92
N ASN A 48 19.79 8.48 6.39
CA ASN A 48 21.21 8.27 6.58
C ASN A 48 21.59 8.49 8.04
N PRO A 49 22.61 7.80 8.54
CA PRO A 49 23.02 8.00 9.94
C PRO A 49 23.50 9.42 10.17
N GLY A 50 23.25 9.91 11.39
CA GLY A 50 23.63 11.26 11.77
C GLY A 50 22.45 12.09 12.19
N LYS A 51 22.69 13.06 13.08
CA LYS A 51 21.60 13.92 13.56
C LYS A 51 21.18 14.94 12.51
N ALA A 52 22.10 15.35 11.64
CA ALA A 52 21.77 16.35 10.63
C ALA A 52 20.71 15.83 9.66
N ALA A 53 20.80 14.57 9.27
CA ALA A 53 19.77 14.00 8.39
C ALA A 53 18.42 13.99 9.07
N GLU A 54 18.38 13.65 10.37
CA GLU A 54 17.12 13.68 11.10
C GLU A 54 16.55 15.09 11.16
N VAL A 55 17.41 16.08 11.39
CA VAL A 55 16.96 17.47 11.44
C VAL A 55 16.39 17.90 10.09
N ALA A 56 17.08 17.52 9.01
CA ALA A 56 16.60 17.89 7.67
C ALA A 56 15.25 17.25 7.37
N VAL A 57 15.09 15.97 7.72
CA VAL A 57 13.82 15.30 7.49
C VAL A 57 12.71 15.95 8.32
N ARG A 58 13.02 16.26 9.58
CA ARG A 58 12.01 16.89 10.44
C ARG A 58 11.62 18.26 9.92
N ALA A 59 12.58 18.99 9.35
CA ALA A 59 12.26 20.29 8.75
C ALA A 59 11.38 20.13 7.51
N HIS A 60 11.71 19.17 6.65
CA HIS A 60 10.93 18.95 5.44
C HIS A 60 9.53 18.41 5.74
N CYS A 61 9.35 17.80 6.93
CA CYS A 61 8.04 17.28 7.30
C CYS A 61 6.98 18.38 7.31
N SER A 62 7.31 19.55 7.86
CA SER A 62 6.35 20.64 7.98
C SER A 62 6.09 21.34 6.65
N ILE A 63 6.98 21.20 5.67
CA ILE A 63 6.81 21.85 4.37
C ILE A 63 6.31 20.88 3.30
N LEU A 64 6.17 19.60 3.64
CA LEU A 64 5.61 18.64 2.69
C LEU A 64 4.24 19.07 2.18
N SER A 65 3.38 19.56 3.08
CA SER A 65 2.03 19.96 2.66
C SER A 65 2.07 21.14 1.69
N SER A 66 2.91 22.13 1.98
CA SER A 66 3.05 23.27 1.09
C SER A 66 3.59 22.84 -0.27
N LEU A 67 4.56 21.93 -0.28
CA LEU A 67 5.05 21.38 -1.54
C LEU A 67 3.94 20.69 -2.31
N ILE A 68 3.12 19.90 -1.61
CA ILE A 68 2.04 19.16 -2.26
C ILE A 68 1.07 20.15 -2.93
N ARG A 69 0.68 21.19 -2.19
CA ARG A 69 -0.26 22.17 -2.73
C ARG A 69 0.33 22.89 -3.92
N GLY A 70 1.59 23.32 -3.80
CA GLY A 70 2.20 24.05 -4.90
C GLY A 70 2.31 23.20 -6.15
N VAL A 71 2.77 21.95 -5.99
CA VAL A 71 3.01 21.10 -7.15
C VAL A 71 1.70 20.70 -7.83
N GLY A 72 0.62 20.52 -7.05
CA GLY A 72 -0.59 20.03 -7.68
C GLY A 72 -1.71 21.03 -7.90
N PHE A 73 -1.53 22.28 -7.52
CA PHE A 73 -2.56 23.29 -7.78
C PHE A 73 -2.56 23.71 -9.25
N ARG A 74 -1.41 23.68 -9.92
CA ARG A 74 -1.32 24.14 -11.30
C ARG A 74 -2.12 23.28 -12.28
N ILE A 75 -2.19 21.98 -12.05
CA ILE A 75 -2.88 21.07 -12.96
C ILE A 75 -4.24 20.75 -12.35
N SER A 76 -5.26 21.53 -12.72
CA SER A 76 -6.61 21.29 -12.21
C SER A 76 -7.00 19.84 -12.46
N ASP A 77 -8.02 19.35 -11.76
CA ASP A 77 -8.49 17.97 -11.86
C ASP A 77 -7.34 16.98 -11.99
N GLY A 78 -6.20 17.29 -11.37
CA GLY A 78 -5.06 16.38 -11.37
C GLY A 78 -5.13 15.31 -10.31
N GLY A 79 -5.91 15.54 -9.26
CA GLY A 79 -6.04 14.56 -8.20
C GLY A 79 -4.74 14.21 -7.52
N LEU A 80 -3.85 15.18 -7.34
CA LEU A 80 -2.54 14.89 -6.77
C LEU A 80 -2.68 14.74 -5.27
N SER A 81 -2.12 13.66 -4.74
CA SER A 81 -2.10 13.41 -3.31
C SER A 81 -0.81 12.68 -2.96
N CYS A 82 -0.37 12.83 -1.72
CA CYS A 82 0.83 12.17 -1.26
C CYS A 82 0.65 11.75 0.19
N VAL A 83 0.94 10.49 0.46
CA VAL A 83 0.85 9.92 1.80
C VAL A 83 2.26 9.61 2.27
N MET A 84 2.62 10.17 3.43
CA MET A 84 3.94 9.93 4.02
C MET A 84 3.78 9.00 5.22
N GLY A 85 4.55 7.93 5.23
CA GLY A 85 4.51 6.97 6.32
C GLY A 85 5.87 6.78 6.92
N VAL A 86 5.89 6.50 8.22
CA VAL A 86 7.13 6.32 8.97
C VAL A 86 7.10 4.93 9.58
N SER A 87 8.20 4.19 9.41
CA SER A 87 8.31 2.85 9.96
C SER A 87 8.72 2.92 11.42
N GLU A 88 8.95 1.75 12.02
CA GLU A 88 9.32 1.70 13.43
C GLU A 88 10.70 2.32 13.66
N GLY A 89 11.68 1.93 12.83
CA GLY A 89 13.02 2.49 12.99
C GLY A 89 13.06 3.98 12.71
N GLY A 90 12.38 4.42 11.66
CA GLY A 90 12.33 5.84 11.37
C GLY A 90 11.67 6.65 12.47
N TRP A 91 10.59 6.11 13.03
CA TRP A 91 9.92 6.80 14.13
C TRP A 91 10.81 6.84 15.36
N GLU A 92 11.54 5.76 15.63
CA GLU A 92 12.47 5.75 16.76
C GLU A 92 13.58 6.78 16.57
N ARG A 93 14.07 6.92 15.34
CA ARG A 93 15.15 7.87 15.08
C ARG A 93 14.68 9.31 15.07
N LEU A 94 13.43 9.56 14.69
CA LEU A 94 12.93 10.93 14.49
C LEU A 94 12.18 11.46 15.70
N PHE A 95 11.19 10.72 16.19
CA PHE A 95 10.39 11.11 17.34
C PHE A 95 10.60 10.08 18.43
N GLY A 96 11.15 10.52 19.57
CA GLY A 96 11.44 9.55 20.61
C GLY A 96 10.36 9.35 21.61
N ASP A 97 9.18 9.92 21.39
CA ASP A 97 8.06 9.79 22.31
C ASP A 97 7.39 8.43 22.04
N THR A 98 6.43 8.07 22.90
CA THR A 98 5.75 6.79 22.77
C THR A 98 5.27 6.59 21.34
N LYS A 99 5.40 5.35 20.85
CA LYS A 99 4.98 5.02 19.50
C LYS A 99 3.55 4.52 19.50
N PRO A 100 2.93 4.41 18.32
CA PRO A 100 1.57 3.86 18.27
C PRO A 100 1.52 2.43 18.79
N GLU A 101 0.30 1.99 19.10
CA GLU A 101 0.13 0.69 19.75
C GLU A 101 0.59 -0.45 18.85
N TYR A 102 0.23 -0.39 17.56
CA TYR A 102 0.46 -1.50 16.64
C TYR A 102 1.60 -1.24 15.66
N LEU A 103 2.50 -0.32 15.98
CA LEU A 103 3.64 -0.03 15.11
C LEU A 103 4.80 -0.94 15.49
N HIS A 104 5.22 -1.77 14.54
CA HIS A 104 6.30 -2.73 14.78
C HIS A 104 6.92 -3.11 13.44
N VAL A 105 8.07 -3.76 13.50
CA VAL A 105 8.73 -4.24 12.29
C VAL A 105 7.88 -5.32 11.64
N PHE A 106 7.79 -5.27 10.31
CA PHE A 106 6.99 -6.26 9.58
C PHE A 106 7.51 -7.66 9.83
N ARG A 107 6.59 -8.57 10.13
CA ARG A 107 6.94 -9.96 10.43
C ARG A 107 7.01 -10.76 9.15
N GLU A 108 8.16 -11.40 8.91
CA GLU A 108 8.31 -12.29 7.78
C GLU A 108 7.49 -13.56 7.99
N ILE A 109 7.03 -14.15 6.88
CA ILE A 109 6.19 -15.33 6.92
C ILE A 109 6.91 -16.45 6.17
N ASN A 110 7.06 -17.59 6.85
CA ASN A 110 7.76 -18.75 6.30
C ASN A 110 6.78 -19.93 6.24
N GLY A 111 6.05 -20.03 5.13
CA GLY A 111 5.16 -21.15 4.91
C GLY A 111 5.54 -21.88 3.64
N VAL A 112 4.55 -22.15 2.78
CA VAL A 112 4.86 -22.70 1.46
C VAL A 112 5.59 -21.68 0.60
N HIS A 113 5.42 -20.39 0.88
CA HIS A 113 6.13 -19.32 0.19
C HIS A 113 6.74 -18.40 1.25
N HIS A 114 7.68 -17.57 0.81
CA HIS A 114 8.41 -16.67 1.70
C HIS A 114 8.05 -15.22 1.37
N ALA A 115 7.74 -14.45 2.40
CA ALA A 115 7.47 -13.03 2.26
C ALA A 115 8.54 -12.26 3.02
N PRO A 116 9.57 -11.75 2.34
CA PRO A 116 10.70 -11.14 3.05
C PRO A 116 10.36 -9.77 3.61
N SER A 117 11.17 -9.36 4.58
CA SER A 117 11.10 -8.03 5.17
C SER A 117 12.28 -7.20 4.68
N THR A 118 12.01 -5.94 4.32
CA THR A 118 13.04 -5.11 3.73
C THR A 118 13.22 -3.82 4.52
N PRO A 119 14.42 -3.25 4.52
CA PRO A 119 14.65 -1.99 5.23
C PRO A 119 13.85 -0.85 4.63
N GLY A 120 13.46 0.09 5.48
CA GLY A 120 12.73 1.25 5.05
C GLY A 120 12.39 2.18 6.21
N ASP A 121 12.58 3.48 6.02
CA ASP A 121 12.33 4.46 7.07
C ASP A 121 11.21 5.43 6.72
N LEU A 122 11.13 5.88 5.47
CA LEU A 122 10.09 6.79 5.03
C LEU A 122 9.47 6.27 3.74
N LEU A 123 8.14 6.33 3.67
CA LEU A 123 7.39 5.88 2.51
C LEU A 123 6.61 7.07 1.95
N TYR A 124 6.75 7.30 0.65
CA TYR A 124 6.01 8.34 -0.05
C TYR A 124 5.15 7.66 -1.12
N HIS A 125 3.85 7.69 -0.93
CA HIS A 125 2.89 7.16 -1.90
C HIS A 125 2.27 8.37 -2.60
N ILE A 126 2.70 8.63 -3.83
CA ILE A 126 2.25 9.78 -4.61
C ILE A 126 1.28 9.28 -5.68
N ARG A 127 0.13 9.94 -5.79
CA ARG A 127 -0.91 9.57 -6.75
C ARG A 127 -1.37 10.80 -7.50
N ALA A 128 -1.60 10.65 -8.81
CA ALA A 128 -2.12 11.74 -9.60
C ALA A 128 -2.75 11.18 -10.86
N ALA A 129 -3.56 12.00 -11.52
CA ALA A 129 -4.19 11.61 -12.78
C ALA A 129 -3.22 11.64 -13.95
N ARG A 130 -2.03 12.21 -13.77
CA ARG A 130 -1.02 12.26 -14.82
C ARG A 130 0.33 11.93 -14.21
N MET A 131 1.20 11.33 -15.03
CA MET A 131 2.49 10.86 -14.53
C MET A 131 3.40 12.05 -14.19
N ASP A 132 3.30 13.14 -14.96
CA ASP A 132 4.20 14.26 -14.78
C ASP A 132 4.08 14.90 -13.41
N LEU A 133 2.86 14.93 -12.84
CA LEU A 133 2.68 15.50 -11.51
C LEU A 133 3.43 14.69 -10.46
N CYS A 134 3.31 13.36 -10.53
CA CYS A 134 4.06 12.51 -9.61
C CYS A 134 5.55 12.66 -9.82
N PHE A 135 5.98 12.76 -11.07
CA PHE A 135 7.40 12.98 -11.37
C PHE A 135 7.91 14.26 -10.72
N GLU A 136 7.18 15.35 -10.90
CA GLU A 136 7.61 16.63 -10.34
C GLU A 136 7.63 16.59 -8.82
N LEU A 137 6.60 16.02 -8.21
CA LEU A 137 6.54 15.97 -6.76
C LEU A 137 7.68 15.12 -6.18
N ALA A 138 7.94 13.96 -6.79
CA ALA A 138 9.02 13.11 -6.31
C ALA A 138 10.38 13.79 -6.49
N SER A 139 10.58 14.44 -7.63
CA SER A 139 11.84 15.15 -7.86
C SER A 139 12.03 16.26 -6.84
N ARG A 140 10.98 17.03 -6.55
CA ARG A 140 11.08 18.09 -5.56
C ARG A 140 11.38 17.54 -4.18
N ILE A 141 10.70 16.45 -3.80
CA ILE A 141 10.91 15.86 -2.47
C ILE A 141 12.35 15.38 -2.34
N LEU A 142 12.85 14.67 -3.35
CA LEU A 142 14.21 14.14 -3.28
C LEU A 142 15.24 15.26 -3.30
N SER A 143 15.01 16.31 -4.10
CA SER A 143 15.94 17.43 -4.12
C SER A 143 15.98 18.14 -2.77
N ASP A 144 14.81 18.35 -2.15
CA ASP A 144 14.78 18.99 -0.85
C ASP A 144 15.46 18.13 0.21
N LEU A 145 15.24 16.81 0.17
CA LEU A 145 15.88 15.93 1.15
C LEU A 145 17.39 15.86 0.93
N GLY A 146 17.85 15.97 -0.31
CA GLY A 146 19.28 16.01 -0.58
C GLY A 146 19.95 14.70 -0.23
N ASN A 147 21.07 14.80 0.49
CA ASN A 147 21.85 13.63 0.88
C ASN A 147 21.40 13.03 2.21
N SER A 148 20.40 13.63 2.86
CA SER A 148 19.95 13.12 4.15
C SER A 148 19.31 11.75 4.06
N VAL A 149 18.80 11.36 2.89
CA VAL A 149 18.14 10.08 2.72
C VAL A 149 18.78 9.33 1.55
N SER A 150 18.63 8.01 1.58
CA SER A 150 19.09 7.14 0.50
C SER A 150 17.90 6.38 -0.06
N VAL A 151 17.72 6.44 -1.37
CA VAL A 151 16.57 5.80 -2.01
C VAL A 151 16.77 4.29 -2.00
N VAL A 152 15.82 3.57 -1.41
CA VAL A 152 15.85 2.12 -1.40
C VAL A 152 15.04 1.54 -2.55
N ASP A 153 13.80 1.99 -2.69
CA ASP A 153 12.93 1.53 -3.77
C ASP A 153 12.22 2.72 -4.39
N SER A 154 12.04 2.67 -5.71
CA SER A 154 11.31 3.72 -6.43
C SER A 154 10.57 3.04 -7.58
N VAL A 155 9.26 2.86 -7.41
CA VAL A 155 8.44 2.12 -8.36
C VAL A 155 7.43 3.08 -8.97
N GLN A 156 7.35 3.10 -10.30
CA GLN A 156 6.40 3.93 -11.03
C GLN A 156 5.28 3.03 -11.54
N GLY A 157 4.11 3.14 -10.93
CA GLY A 157 2.96 2.34 -11.31
C GLY A 157 1.95 3.16 -12.12
N PHE A 158 1.19 2.45 -12.95
CA PHE A 158 0.22 3.07 -13.84
C PHE A 158 -1.04 2.21 -13.88
N ARG A 159 -2.16 2.84 -14.17
CA ARG A 159 -3.42 2.13 -14.30
C ARG A 159 -3.44 1.38 -15.62
N TYR A 160 -3.75 0.10 -15.57
CA TYR A 160 -3.70 -0.78 -16.74
C TYR A 160 -5.10 -1.04 -17.25
N PHE A 161 -5.42 -0.45 -18.41
CA PHE A 161 -6.72 -0.60 -19.08
C PHE A 161 -7.82 -0.16 -18.11
N ASP A 162 -8.88 -0.94 -17.93
CA ASP A 162 -10.02 -0.55 -17.11
C ASP A 162 -9.88 -1.16 -15.71
N ASP A 163 -8.95 -0.60 -14.95
CA ASP A 163 -8.71 -0.99 -13.55
C ASP A 163 -8.34 -2.47 -13.43
N ARG A 164 -7.71 -3.03 -14.46
CA ARG A 164 -7.25 -4.40 -14.44
C ARG A 164 -5.77 -4.46 -14.07
N ASP A 165 -5.38 -5.54 -13.40
CA ASP A 165 -3.98 -5.77 -13.11
C ASP A 165 -3.35 -6.59 -14.24
N LEU A 166 -2.06 -6.89 -14.10
CA LEU A 166 -1.34 -7.58 -15.17
C LEU A 166 -1.81 -9.01 -15.38
N LEU A 167 -2.54 -9.59 -14.42
CA LEU A 167 -3.07 -10.93 -14.60
C LEU A 167 -4.38 -10.96 -15.38
N GLY A 168 -4.93 -9.80 -15.73
CA GLY A 168 -6.14 -9.73 -16.52
C GLY A 168 -7.43 -9.66 -15.74
N PHE A 169 -7.37 -9.66 -14.42
CA PHE A 169 -8.57 -9.61 -13.58
C PHE A 169 -8.75 -8.22 -12.99
N VAL A 170 -10.00 -7.77 -12.92
CA VAL A 170 -10.30 -6.48 -12.32
C VAL A 170 -10.02 -6.53 -10.83
N ASP A 171 -9.29 -5.55 -10.32
CA ASP A 171 -8.85 -5.50 -8.94
C ASP A 171 -9.41 -4.24 -8.30
N GLY A 172 -9.82 -4.36 -7.03
CA GLY A 172 -10.37 -3.24 -6.30
C GLY A 172 -11.87 -3.19 -6.18
N THR A 173 -12.57 -4.25 -6.60
CA THR A 173 -14.03 -4.21 -6.63
C THR A 173 -14.60 -4.18 -5.21
N GLU A 174 -14.08 -5.02 -4.32
CA GLU A 174 -14.63 -5.18 -2.98
C GLU A 174 -14.07 -4.16 -1.98
N ASN A 175 -13.51 -3.05 -2.44
CA ASN A 175 -12.99 -2.06 -1.53
C ASN A 175 -14.14 -1.29 -0.87
N PRO A 176 -14.04 -1.01 0.42
CA PRO A 176 -15.06 -0.17 1.07
C PRO A 176 -15.06 1.24 0.51
N VAL A 177 -16.24 1.85 0.49
CA VAL A 177 -16.46 3.15 -0.15
C VAL A 177 -17.07 4.10 0.87
N ALA A 178 -16.59 5.34 0.85
CA ALA A 178 -17.14 6.46 1.64
C ALA A 178 -17.00 6.12 3.13
N GLN A 179 -18.10 6.04 3.88
CA GLN A 179 -18.00 5.92 5.34
C GLN A 179 -17.33 4.61 5.76
N ALA A 180 -17.57 3.53 5.02
CA ALA A 180 -16.96 2.26 5.38
C ALA A 180 -15.44 2.34 5.30
N ALA A 181 -14.91 3.00 4.26
CA ALA A 181 -13.47 3.15 4.15
C ALA A 181 -12.91 3.98 5.30
N VAL A 182 -13.63 5.05 5.68
CA VAL A 182 -13.17 5.88 6.79
C VAL A 182 -13.12 5.06 8.08
N ASP A 183 -14.16 4.26 8.32
CA ASP A 183 -14.18 3.44 9.53
C ASP A 183 -13.13 2.32 9.48
N ALA A 184 -12.75 1.86 8.28
CA ALA A 184 -11.79 0.78 8.20
C ALA A 184 -10.34 1.24 8.28
N THR A 185 -10.04 2.45 7.81
CA THR A 185 -8.65 2.93 7.73
C THR A 185 -8.27 3.83 8.89
N LEU A 186 -9.10 4.81 9.22
CA LEU A 186 -8.75 5.82 10.21
C LEU A 186 -8.86 5.25 11.61
N ILE A 187 -7.84 5.52 12.43
CA ILE A 187 -7.82 5.02 13.81
C ILE A 187 -8.78 5.82 14.68
N GLY A 188 -9.55 5.11 15.50
CA GLY A 188 -10.53 5.74 16.36
C GLY A 188 -9.94 6.16 17.69
N ASP A 189 -10.54 5.71 18.79
CA ASP A 189 -10.09 6.08 20.12
C ASP A 189 -9.19 5.04 20.77
N GLU A 190 -8.88 3.94 20.06
CA GLU A 190 -7.98 2.92 20.62
C GLU A 190 -6.62 3.50 20.98
N ASP A 191 -6.15 4.51 20.24
CA ASP A 191 -4.88 5.18 20.52
C ASP A 191 -5.13 6.68 20.27
N MET A 192 -5.76 7.32 21.26
CA MET A 192 -6.17 8.71 21.13
C MET A 192 -5.03 9.60 20.63
N VAL A 193 -3.88 9.54 21.31
CA VAL A 193 -2.72 10.38 21.01
C VAL A 193 -2.35 10.33 19.52
N PHE A 194 -2.89 9.34 18.80
CA PHE A 194 -2.64 9.22 17.37
C PHE A 194 -3.93 9.12 16.57
N ALA A 195 -5.04 9.61 17.13
CA ALA A 195 -6.30 9.59 16.40
C ALA A 195 -6.13 10.24 15.04
N GLY A 196 -6.67 9.60 14.01
CA GLY A 196 -6.54 10.07 12.65
C GLY A 196 -5.41 9.44 11.86
N GLY A 197 -4.54 8.66 12.50
CA GLY A 197 -3.48 7.98 11.79
C GLY A 197 -3.97 6.68 11.18
N SER A 198 -3.03 5.95 10.59
CA SER A 198 -3.35 4.66 9.98
C SER A 198 -2.08 3.83 9.90
N TYR A 199 -2.25 2.57 9.50
CA TYR A 199 -1.12 1.68 9.26
C TYR A 199 -1.18 1.22 7.81
N VAL A 200 -0.03 1.25 7.14
CA VAL A 200 0.06 0.90 5.73
C VAL A 200 1.06 -0.23 5.57
N ILE A 201 0.69 -1.24 4.79
CA ILE A 201 1.57 -2.37 4.50
C ILE A 201 1.80 -2.40 3.00
N VAL A 202 3.06 -2.38 2.59
CA VAL A 202 3.43 -2.35 1.18
C VAL A 202 4.20 -3.62 0.84
N GLN A 203 3.90 -4.18 -0.32
CA GLN A 203 4.60 -5.34 -0.85
C GLN A 203 4.75 -5.19 -2.36
N LYS A 204 5.76 -5.84 -2.90
CA LYS A 204 6.04 -5.82 -4.34
C LYS A 204 6.09 -7.26 -4.84
N TYR A 205 5.25 -7.56 -5.83
CA TYR A 205 5.15 -8.90 -6.40
C TYR A 205 5.61 -8.87 -7.85
N LEU A 206 6.42 -9.87 -8.22
CA LEU A 206 6.86 -10.05 -9.60
C LEU A 206 6.13 -11.25 -10.20
N HIS A 207 5.51 -11.06 -11.34
CA HIS A 207 4.63 -12.05 -11.94
C HIS A 207 5.37 -12.92 -12.95
N ASP A 208 4.94 -14.18 -13.04
CA ASP A 208 5.39 -15.10 -14.08
C ASP A 208 4.23 -15.21 -15.08
N LEU A 209 4.22 -14.28 -16.04
CA LEU A 209 3.10 -14.17 -16.97
C LEU A 209 2.99 -15.37 -17.89
N ASP A 210 4.12 -15.99 -18.26
CA ASP A 210 4.05 -17.18 -19.13
C ASP A 210 3.32 -18.33 -18.46
N LYS A 211 3.61 -18.56 -17.17
CA LYS A 211 2.91 -19.62 -16.45
C LYS A 211 1.44 -19.27 -16.25
N TRP A 212 1.14 -17.99 -15.99
CA TRP A 212 -0.24 -17.62 -15.77
C TRP A 212 -1.04 -17.77 -17.06
N ASN A 213 -0.43 -17.39 -18.19
CA ASN A 213 -1.13 -17.44 -19.46
C ASN A 213 -1.32 -18.87 -19.93
N ALA A 214 -0.40 -19.77 -19.57
CA ALA A 214 -0.59 -21.16 -19.94
C ALA A 214 -1.72 -21.81 -19.16
N ILE A 215 -2.11 -21.24 -18.04
CA ILE A 215 -3.22 -21.77 -17.23
C ILE A 215 -4.54 -21.53 -17.97
N PRO A 216 -5.42 -22.53 -18.04
CA PRO A 216 -6.71 -22.34 -18.73
C PRO A 216 -7.53 -21.25 -18.05
N VAL A 217 -8.43 -20.65 -18.84
CA VAL A 217 -9.23 -19.53 -18.35
C VAL A 217 -10.14 -19.96 -17.20
N GLU A 218 -10.63 -21.20 -17.24
CA GLU A 218 -11.49 -21.67 -16.15
C GLU A 218 -10.70 -21.86 -14.85
N GLN A 219 -9.44 -22.29 -14.95
CA GLN A 219 -8.63 -22.44 -13.75
C GLN A 219 -8.33 -21.08 -13.12
N GLN A 220 -8.04 -20.07 -13.93
CA GLN A 220 -7.90 -18.71 -13.40
C GLN A 220 -9.22 -18.22 -12.81
N GLU A 221 -10.32 -18.55 -13.48
CA GLU A 221 -11.66 -18.27 -12.98
C GLU A 221 -11.83 -18.75 -11.55
N LYS A 222 -11.45 -20.01 -11.30
CA LYS A 222 -11.61 -20.58 -9.98
C LYS A 222 -10.58 -20.04 -8.99
N ILE A 223 -9.36 -19.78 -9.45
CA ILE A 223 -8.29 -19.32 -8.55
C ILE A 223 -8.60 -17.93 -8.01
N ILE A 224 -8.98 -17.01 -8.89
CA ILE A 224 -9.27 -15.65 -8.44
C ILE A 224 -10.55 -15.64 -7.61
N GLY A 225 -11.55 -16.41 -8.04
CA GLY A 225 -12.85 -16.44 -7.40
C GLY A 225 -13.88 -15.51 -7.99
N ARG A 226 -13.52 -14.70 -8.97
CA ARG A 226 -14.47 -13.87 -9.71
C ARG A 226 -14.41 -14.28 -11.18
N GLU A 227 -15.07 -13.51 -12.03
CA GLU A 227 -15.00 -13.75 -13.46
C GLU A 227 -14.04 -12.76 -14.09
N LYS A 228 -13.57 -13.08 -15.29
CA LYS A 228 -12.55 -12.24 -15.93
C LYS A 228 -13.21 -11.03 -16.60
N LEU A 229 -13.97 -11.27 -17.65
CA LEU A 229 -14.60 -10.17 -18.39
C LEU A 229 -15.74 -9.55 -17.58
N SER A 230 -16.71 -10.38 -17.19
CA SER A 230 -17.90 -9.89 -16.52
C SER A 230 -17.64 -9.37 -15.11
N ASP A 231 -16.49 -9.70 -14.52
CA ASP A 231 -16.10 -9.18 -13.20
C ASP A 231 -17.22 -9.44 -12.16
N ILE A 232 -18.05 -10.44 -12.39
CA ILE A 232 -19.10 -10.80 -11.46
C ILE A 232 -18.57 -11.93 -10.59
N GLU A 233 -19.06 -12.03 -9.36
CA GLU A 233 -18.50 -13.02 -8.45
C GLU A 233 -19.00 -14.41 -8.83
N LEU A 234 -18.58 -15.39 -8.03
CA LEU A 234 -18.99 -16.78 -8.20
C LEU A 234 -19.77 -17.24 -6.98
N ARG A 235 -20.69 -18.18 -7.20
CA ARG A 235 -21.51 -18.67 -6.10
C ARG A 235 -20.66 -19.49 -5.14
N ASP A 236 -21.05 -19.49 -3.87
CA ASP A 236 -20.28 -20.18 -2.85
C ASP A 236 -20.17 -21.68 -3.12
N ALA A 237 -21.09 -22.25 -3.90
CA ALA A 237 -21.00 -23.64 -4.29
C ALA A 237 -19.95 -23.89 -5.37
N ASP A 238 -19.48 -22.84 -6.04
CA ASP A 238 -18.52 -22.97 -7.13
C ASP A 238 -17.13 -22.46 -6.80
N LYS A 239 -16.96 -21.71 -5.71
CA LYS A 239 -15.64 -21.23 -5.32
C LYS A 239 -14.96 -22.25 -4.42
N PRO A 240 -13.83 -22.83 -4.82
CA PRO A 240 -13.13 -23.77 -3.95
C PRO A 240 -12.64 -23.09 -2.67
N SER A 241 -12.10 -23.92 -1.78
CA SER A 241 -11.60 -23.42 -0.50
C SER A 241 -10.35 -22.54 -0.66
N TYR A 242 -9.67 -22.63 -1.80
CA TYR A 242 -8.45 -21.86 -2.03
C TYR A 242 -8.66 -20.71 -3.01
N ALA A 243 -9.89 -20.24 -3.15
CA ALA A 243 -10.13 -19.05 -3.95
C ALA A 243 -9.51 -17.83 -3.27
N HIS A 244 -9.01 -16.90 -4.09
CA HIS A 244 -8.29 -15.75 -3.54
C HIS A 244 -9.20 -14.89 -2.68
N ASN A 245 -10.43 -14.64 -3.13
CA ASN A 245 -11.36 -13.82 -2.36
C ASN A 245 -11.96 -14.58 -1.18
N VAL A 246 -11.81 -15.91 -1.13
CA VAL A 246 -12.28 -16.67 0.02
C VAL A 246 -11.24 -16.65 1.14
N LEU A 247 -9.97 -16.83 0.80
CA LEU A 247 -8.92 -16.84 1.81
C LEU A 247 -8.69 -15.47 2.41
N THR A 248 -8.95 -14.42 1.65
CA THR A 248 -8.75 -13.05 2.12
C THR A 248 -9.96 -12.47 2.83
N SER A 249 -11.03 -13.25 3.01
CA SER A 249 -12.22 -12.81 3.72
C SER A 249 -12.12 -13.30 5.17
N ILE A 250 -11.92 -12.35 6.09
CA ILE A 250 -11.78 -12.66 7.50
C ILE A 250 -12.71 -11.77 8.31
N GLU A 251 -12.97 -12.18 9.55
CA GLU A 251 -13.93 -11.52 10.40
C GLU A 251 -13.33 -11.26 11.78
N GLU A 252 -13.81 -10.22 12.44
CA GLU A 252 -13.44 -9.89 13.80
C GLU A 252 -14.70 -9.76 14.64
N ASP A 253 -14.74 -10.47 15.77
CA ASP A 253 -15.88 -10.45 16.69
C ASP A 253 -17.18 -10.84 16.00
N GLY A 254 -17.10 -11.73 15.03
CA GLY A 254 -18.25 -12.18 14.28
C GLY A 254 -18.69 -11.27 13.15
N GLU A 255 -18.01 -10.15 12.94
CA GLU A 255 -18.35 -9.21 11.88
C GLU A 255 -17.19 -9.12 10.89
N ASP A 256 -17.53 -9.13 9.60
CA ASP A 256 -16.52 -8.99 8.56
C ASP A 256 -15.93 -7.60 8.59
N VAL A 257 -14.61 -7.52 8.45
CA VAL A 257 -13.88 -6.25 8.45
C VAL A 257 -13.10 -6.15 7.15
N ASP A 258 -13.17 -4.98 6.52
CA ASP A 258 -12.54 -4.74 5.23
C ASP A 258 -11.32 -3.86 5.38
N ILE A 259 -10.45 -3.91 4.38
CA ILE A 259 -9.26 -3.07 4.31
C ILE A 259 -9.26 -2.38 2.95
N LEU A 260 -8.52 -1.28 2.87
CA LEU A 260 -8.46 -0.46 1.67
C LEU A 260 -7.20 -0.83 0.90
N ARG A 261 -7.37 -1.24 -0.36
CA ARG A 261 -6.27 -1.66 -1.20
C ARG A 261 -6.19 -0.79 -2.44
N ASP A 262 -4.96 -0.45 -2.85
CA ASP A 262 -4.73 0.38 -4.03
C ASP A 262 -3.61 -0.23 -4.87
N ASN A 263 -3.69 -1.53 -5.14
CA ASN A 263 -2.64 -2.21 -5.88
C ASN A 263 -2.47 -1.56 -7.25
N MET A 264 -1.22 -1.41 -7.68
CA MET A 264 -0.94 -0.73 -8.94
C MET A 264 0.00 -1.59 -9.78
N PRO A 265 -0.36 -1.92 -11.01
CA PRO A 265 0.58 -2.62 -11.90
C PRO A 265 1.76 -1.75 -12.28
N PHE A 266 2.89 -2.41 -12.54
CA PHE A 266 4.11 -1.73 -12.95
C PHE A 266 4.99 -2.72 -13.71
N GLY A 267 6.00 -2.19 -14.37
CA GLY A 267 6.97 -3.04 -15.02
C GLY A 267 7.72 -2.30 -16.12
N ASP A 268 8.68 -3.02 -16.69
CA ASP A 268 9.47 -2.56 -17.83
C ASP A 268 9.52 -3.68 -18.86
N PRO A 269 8.94 -3.48 -20.04
CA PRO A 269 8.98 -4.54 -21.07
C PRO A 269 10.38 -4.93 -21.49
N GLY A 270 11.31 -3.96 -21.56
CA GLY A 270 12.64 -4.25 -22.09
C GLY A 270 13.39 -5.29 -21.28
N LYS A 271 13.30 -5.21 -19.96
CA LYS A 271 13.90 -6.21 -19.09
C LYS A 271 12.96 -7.37 -18.81
N GLY A 272 11.76 -7.35 -19.38
CA GLY A 272 10.80 -8.40 -19.14
C GLY A 272 10.26 -8.43 -17.73
N GLU A 273 10.24 -7.28 -17.05
CA GLU A 273 9.84 -7.21 -15.66
C GLU A 273 8.36 -6.79 -15.58
N PHE A 274 7.55 -7.63 -14.95
CA PHE A 274 6.13 -7.35 -14.77
C PHE A 274 5.78 -7.59 -13.31
N GLY A 275 5.01 -6.67 -12.72
CA GLY A 275 4.69 -6.86 -11.31
C GLY A 275 3.55 -5.99 -10.86
N THR A 276 3.16 -6.22 -9.61
CA THR A 276 2.09 -5.48 -8.95
C THR A 276 2.58 -4.99 -7.61
N TYR A 277 2.34 -3.71 -7.32
CA TYR A 277 2.68 -3.12 -6.03
C TYR A 277 1.41 -3.12 -5.19
N PHE A 278 1.39 -3.98 -4.18
CA PHE A 278 0.26 -4.08 -3.26
C PHE A 278 0.45 -3.10 -2.12
N ILE A 279 -0.58 -2.30 -1.84
CA ILE A 279 -0.56 -1.36 -0.74
C ILE A 279 -1.88 -1.48 0.01
N GLY A 280 -1.81 -1.57 1.33
CA GLY A 280 -3.01 -1.75 2.12
C GLY A 280 -3.05 -0.86 3.35
N TYR A 281 -4.14 -0.11 3.49
CA TYR A 281 -4.33 0.79 4.63
C TYR A 281 -5.31 0.16 5.61
N SER A 282 -5.08 0.39 6.89
CA SER A 282 -5.96 -0.18 7.91
C SER A 282 -5.85 0.64 9.18
N ARG A 283 -6.88 0.51 10.03
CA ARG A 283 -6.78 1.01 11.39
C ARG A 283 -6.05 0.01 12.30
N LYS A 284 -5.90 -1.22 11.85
CA LYS A 284 -5.18 -2.26 12.58
C LYS A 284 -4.43 -3.15 11.60
N PRO A 285 -3.10 -3.20 11.67
CA PRO A 285 -2.34 -4.07 10.77
C PRO A 285 -2.55 -5.55 11.03
N GLU A 286 -3.20 -5.91 12.15
CA GLU A 286 -3.46 -7.32 12.45
C GLU A 286 -4.32 -7.95 11.36
N ARG A 287 -5.26 -7.19 10.80
CA ARG A 287 -6.09 -7.72 9.73
C ARG A 287 -5.27 -8.09 8.50
N ILE A 288 -4.38 -7.18 8.08
CA ILE A 288 -3.56 -7.44 6.90
C ILE A 288 -2.58 -8.58 7.18
N GLU A 289 -2.04 -8.65 8.39
CA GLU A 289 -1.14 -9.74 8.73
C GLU A 289 -1.87 -11.09 8.71
N ARG A 290 -3.11 -11.12 9.20
CA ARG A 290 -3.91 -12.33 9.15
C ARG A 290 -4.21 -12.74 7.72
N MET A 291 -4.53 -11.76 6.86
CA MET A 291 -4.77 -12.05 5.46
C MET A 291 -3.51 -12.62 4.79
N LEU A 292 -2.35 -12.04 5.11
CA LEU A 292 -1.10 -12.55 4.57
C LEU A 292 -0.81 -13.95 5.06
N GLU A 293 -1.08 -14.22 6.33
CA GLU A 293 -0.89 -15.57 6.87
C GLU A 293 -1.80 -16.58 6.19
N ASN A 294 -3.05 -16.20 5.94
CA ASN A 294 -3.97 -17.10 5.24
C ASN A 294 -3.49 -17.35 3.81
N MET A 295 -3.00 -16.32 3.14
CA MET A 295 -2.58 -16.49 1.75
C MET A 295 -1.30 -17.33 1.65
N PHE A 296 -0.33 -17.09 2.52
CA PHE A 296 0.96 -17.77 2.43
C PHE A 296 0.98 -19.11 3.17
N ILE A 297 0.65 -19.10 4.46
CA ILE A 297 0.67 -20.34 5.22
C ILE A 297 -0.48 -21.25 4.80
N GLY A 298 -1.67 -20.68 4.64
CA GLY A 298 -2.83 -21.45 4.24
C GLY A 298 -3.82 -21.57 5.39
N ASN A 299 -5.10 -21.53 5.04
CA ASN A 299 -6.19 -21.66 6.01
C ASN A 299 -7.15 -22.71 5.49
N PRO A 300 -7.06 -23.97 5.95
CA PRO A 300 -6.09 -24.51 6.93
C PRO A 300 -4.69 -24.62 6.33
N PRO A 301 -3.65 -24.85 7.14
CA PRO A 301 -2.30 -24.90 6.59
C PRO A 301 -2.15 -25.92 5.47
N GLY A 302 -1.43 -25.52 4.43
CA GLY A 302 -1.30 -26.30 3.23
C GLY A 302 -2.24 -25.91 2.11
N ASN A 303 -3.32 -25.18 2.44
CA ASN A 303 -4.27 -24.71 1.45
C ASN A 303 -3.98 -23.26 1.07
N TYR A 304 -2.82 -23.07 0.45
CA TYR A 304 -2.36 -21.73 0.10
C TYR A 304 -3.03 -21.23 -1.18
N ASP A 305 -2.92 -19.93 -1.41
CA ASP A 305 -3.47 -19.31 -2.61
C ASP A 305 -2.55 -19.58 -3.79
N ARG A 306 -3.14 -20.01 -4.92
CA ARG A 306 -2.36 -20.32 -6.11
C ARG A 306 -1.75 -19.08 -6.76
N ILE A 307 -2.19 -17.88 -6.36
CA ILE A 307 -1.63 -16.66 -6.93
C ILE A 307 -0.14 -16.58 -6.66
N LEU A 308 0.29 -17.02 -5.48
CA LEU A 308 1.71 -17.03 -5.16
C LEU A 308 2.50 -18.00 -6.01
N ASP A 309 1.83 -18.93 -6.71
CA ASP A 309 2.54 -19.84 -7.60
C ASP A 309 3.06 -19.14 -8.85
N VAL A 310 2.50 -17.99 -9.20
CA VAL A 310 2.96 -17.20 -10.34
C VAL A 310 3.47 -15.83 -9.93
N SER A 311 3.39 -15.46 -8.65
CA SER A 311 3.82 -14.17 -8.17
C SER A 311 4.83 -14.36 -7.04
N ARG A 312 5.95 -13.67 -7.12
CA ARG A 312 7.01 -13.75 -6.13
C ARG A 312 7.13 -12.42 -5.39
N ALA A 313 7.11 -12.49 -4.06
CA ALA A 313 7.26 -11.29 -3.24
C ALA A 313 8.72 -11.08 -2.89
N ILE A 314 9.24 -9.89 -3.18
CA ILE A 314 10.63 -9.56 -2.91
C ILE A 314 10.79 -8.38 -1.96
N THR A 315 9.75 -7.60 -1.72
CA THR A 315 9.82 -6.45 -0.84
C THR A 315 8.53 -6.35 -0.04
N GLY A 316 8.67 -6.11 1.27
CA GLY A 316 7.52 -5.96 2.14
C GLY A 316 7.86 -5.18 3.40
N THR A 317 7.06 -4.16 3.71
CA THR A 317 7.35 -3.27 4.83
C THR A 317 6.06 -2.71 5.39
N LEU A 318 6.12 -2.27 6.65
CA LEU A 318 5.00 -1.66 7.36
C LEU A 318 5.39 -0.26 7.82
N PHE A 319 4.47 0.69 7.61
CA PHE A 319 4.68 2.08 8.00
C PHE A 319 3.45 2.60 8.73
N PHE A 320 3.67 3.67 9.49
CA PHE A 320 2.61 4.38 10.20
C PHE A 320 2.38 5.72 9.53
N VAL A 321 1.12 6.06 9.28
CA VAL A 321 0.75 7.31 8.63
C VAL A 321 0.13 8.23 9.67
N PRO A 322 0.83 9.28 10.10
CA PRO A 322 0.26 10.22 11.06
C PRO A 322 -0.64 11.23 10.38
N THR A 323 -1.33 12.02 11.20
CA THR A 323 -2.25 13.03 10.70
C THR A 323 -1.50 14.20 10.08
N THR A 324 -2.20 14.95 9.23
CA THR A 324 -1.61 16.13 8.61
C THR A 324 -1.27 17.18 9.64
N SER A 325 -2.14 17.39 10.63
CA SER A 325 -1.87 18.37 11.67
C SER A 325 -0.63 17.99 12.48
N PHE A 326 -0.46 16.70 12.77
CA PHE A 326 0.73 16.26 13.49
C PHE A 326 1.99 16.55 12.68
N LEU A 327 1.95 16.31 11.37
CA LEU A 327 3.09 16.63 10.52
C LEU A 327 3.37 18.13 10.51
N ASP A 328 2.33 18.94 10.42
CA ASP A 328 2.50 20.39 10.41
C ASP A 328 2.92 20.94 11.76
N SER A 329 2.78 20.16 12.83
CA SER A 329 3.07 20.64 14.18
C SER A 329 4.47 20.29 14.66
N ILE A 330 5.30 19.66 13.84
CA ILE A 330 6.64 19.30 14.27
C ILE A 330 7.56 20.51 14.13
N GLU A 331 8.35 20.77 15.17
CA GLU A 331 9.33 21.84 15.17
C GLU A 331 10.73 21.25 15.03
N PRO A 332 11.54 21.72 14.08
CA PRO A 332 12.91 21.23 13.85
C PRO A 332 13.80 21.38 15.09
CHA HEM B . -9.40 -9.64 -3.86
CHB HEM B . -5.70 -9.76 -6.99
CHC HEM B . -2.60 -9.84 -3.26
CHD HEM B . -6.26 -8.90 -0.23
C1A HEM B . -8.68 -9.66 -5.03
C2A HEM B . -9.23 -9.64 -6.38
C3A HEM B . -8.20 -9.68 -7.24
C4A HEM B . -6.98 -9.71 -6.48
CMA HEM B . -8.31 -9.67 -8.77
CAA HEM B . -10.72 -9.60 -6.75
CBA HEM B . -11.11 -8.15 -7.04
CGA HEM B . -11.60 -7.49 -5.78
O1A HEM B . -11.61 -6.24 -5.72
O2A HEM B . -11.96 -8.23 -4.82
C1B HEM B . -4.53 -9.77 -6.26
C2B HEM B . -3.19 -9.75 -6.80
C3B HEM B . -2.33 -9.78 -5.76
C4B HEM B . -3.11 -9.81 -4.54
CMB HEM B . -2.89 -9.71 -8.31
CAB HEM B . -0.77 -9.77 -5.75
CBB HEM B . 0.00 -9.74 -6.84
C1C HEM B . -3.32 -9.58 -2.11
C2C HEM B . -2.77 -9.46 -0.77
C3C HEM B . -3.79 -9.20 0.07
C4C HEM B . -5.00 -9.15 -0.72
CMC HEM B . -1.27 -9.62 -0.46
CAC HEM B . -3.80 -8.98 1.60
CBC HEM B . -2.71 -9.00 2.39
C1D HEM B . -7.43 -8.98 -0.96
C2D HEM B . -8.76 -8.66 -0.47
C3D HEM B . -9.63 -8.87 -1.46
C4D HEM B . -8.89 -9.32 -2.62
CMD HEM B . -9.11 -8.17 0.95
CAD HEM B . -11.16 -8.65 -1.37
CBD HEM B . -11.85 -10.00 -1.37
CGD HEM B . -13.22 -9.86 -0.74
O1D HEM B . -13.55 -8.76 -0.24
O2D HEM B . -13.98 -10.87 -0.74
NA HEM B . -7.31 -9.71 -5.13
NB HEM B . -4.45 -9.80 -4.88
NC HEM B . -4.68 -9.38 -2.04
ND HEM B . -7.56 -9.38 -2.27
FE HEM B . -6.00 -9.59 -3.57
#